data_4ZRL
#
_entry.id   4ZRL
#
_cell.length_a   50.655
_cell.length_b   89.367
_cell.length_c   94.666
_cell.angle_alpha   90.00
_cell.angle_beta   90.00
_cell.angle_gamma   90.00
#
_symmetry.space_group_name_H-M   'P 21 21 21'
#
loop_
_entity.id
_entity.type
_entity.pdbx_description
1 polymer 'Poly(A) RNA polymerase gld-2'
2 polymer 'Defective in germ line development protein 3'
3 non-polymer 'CHLORIDE ION'
4 water water
#
loop_
_entity_poly.entity_id
_entity_poly.type
_entity_poly.pdbx_seq_one_letter_code
_entity_poly.pdbx_strand_id
1 'polypeptide(L)'
;GA(MSE)GFASPSPPTSLLSEPLSR(MSE)DVLSEKIWDYHNKVSQTDE(MSE)LQRKLHLRD(MSE)LYTAISPVFPLS
GLYVVGSSLNGFGNNSSD(MSE)DLCL(MSE)ITNKDLDQKNDAVVVLNLILSTLQYEKFVESQKLILAKVPILRINFAA
PFDDITVDLNANNSVAIRNTHLLCYYSSYDWRVRPLVSVVKEWAKRKGINDANKSSFTSYSLVL(MSE)VIHFLQCGPTK
VLPNLQQSYPNRFSNKVDVRTLNVT(MSE)ALEEVADDIDQSLSEKTTLGELLIGFLDYYANEFNYDRDAISIRQGRRVE
GTPGIP(MSE)HHSISNPHFWRSQWRCVCIEEPFTNSNTAHSIYDE(MSE)VFEAIKKAFREAHGELQHNHDLDKL
(MSE)ECEPIKA
;
A
2 'polypeptide(L)'
;(MSE)AHSYNPFVRSAVEYDADTRLQ(MSE)AENAASARKLFVSSALKDIIVNPENFYHDFQQSAQ(MSE)AEDANQRRQ
VSYNTKREA
;
B
#
# COMPACT_ATOMS: atom_id res chain seq x y z
N ASP A 23 17.56 -25.05 -1.01
CA ASP A 23 18.01 -25.19 -2.40
C ASP A 23 18.50 -23.86 -2.92
N VAL A 24 19.30 -23.90 -3.99
CA VAL A 24 19.96 -22.70 -4.50
C VAL A 24 18.99 -21.58 -4.88
N LEU A 25 17.91 -21.92 -5.58
CA LEU A 25 16.95 -20.91 -6.02
C LEU A 25 16.26 -20.22 -4.83
N SER A 26 15.79 -21.02 -3.87
CA SER A 26 15.16 -20.47 -2.67
C SER A 26 16.15 -19.61 -1.89
N GLU A 27 17.41 -20.00 -1.90
CA GLU A 27 18.45 -19.26 -1.19
C GLU A 27 18.71 -17.91 -1.85
N LYS A 28 18.72 -17.89 -3.18
CA LYS A 28 18.99 -16.65 -3.90
C LYS A 28 17.79 -15.71 -3.79
N ILE A 29 16.60 -16.26 -3.72
CA ILE A 29 15.40 -15.48 -3.52
C ILE A 29 15.42 -14.79 -2.16
N TRP A 30 15.74 -15.56 -1.12
CA TRP A 30 15.77 -15.04 0.24
C TRP A 30 16.85 -13.98 0.40
N ASP A 31 17.99 -14.19 -0.23
CA ASP A 31 19.09 -13.23 -0.18
C ASP A 31 18.72 -11.94 -0.88
N TYR A 32 18.09 -12.07 -2.05
CA TYR A 32 17.62 -10.92 -2.80
C TYR A 32 16.61 -10.13 -1.97
N HIS A 33 15.69 -10.85 -1.36
CA HIS A 33 14.68 -10.28 -0.48
C HIS A 33 15.28 -9.40 0.61
N ASN A 34 16.29 -9.91 1.29
CA ASN A 34 16.93 -9.17 2.38
C ASN A 34 17.70 -7.94 1.92
N LYS A 35 18.02 -7.89 0.62
CA LYS A 35 18.83 -6.80 0.09
C LYS A 35 18.00 -5.67 -0.50
N VAL A 36 16.76 -5.96 -0.90
CA VAL A 36 15.92 -4.94 -1.52
C VAL A 36 14.77 -4.51 -0.61
N SER A 37 14.53 -5.25 0.47
CA SER A 37 13.44 -4.94 1.36
C SER A 37 13.73 -3.66 2.14
N GLN A 38 12.66 -3.04 2.64
CA GLN A 38 12.76 -1.79 3.38
C GLN A 38 13.75 -1.85 4.54
N THR A 39 14.72 -0.93 4.56
CA THR A 39 15.74 -0.91 5.60
C THR A 39 15.25 -0.19 6.86
N ASP A 40 15.93 -0.44 7.97
CA ASP A 40 15.58 0.20 9.23
C ASP A 40 15.74 1.71 9.13
N GLU A 41 16.81 2.14 8.47
CA GLU A 41 17.11 3.57 8.36
C GLU A 41 16.00 4.32 7.61
N LEU A 43 12.83 3.37 7.08
CA LEU A 43 11.60 3.36 7.85
C LEU A 43 11.62 4.41 8.96
N GLN A 44 12.76 4.55 9.64
CA GLN A 44 12.91 5.53 10.71
C GLN A 44 12.77 6.96 10.21
N ARG A 45 13.39 7.26 9.07
CA ARG A 45 13.27 8.57 8.44
C ARG A 45 11.81 8.88 8.10
N LYS A 46 11.10 7.89 7.55
CA LYS A 46 9.70 8.06 7.16
C LYS A 46 8.80 8.33 8.35
N LEU A 47 9.01 7.58 9.43
CA LEU A 47 8.18 7.73 10.62
C LEU A 47 8.45 9.10 11.26
N HIS A 48 9.71 9.51 11.26
CA HIS A 48 10.10 10.82 11.78
C HIS A 48 9.40 11.92 10.99
N LEU A 49 9.36 11.75 9.67
CA LEU A 49 8.71 12.73 8.79
C LEU A 49 7.21 12.80 9.07
N ARG A 50 6.60 11.66 9.37
CA ARG A 50 5.20 11.61 9.74
C ARG A 50 4.95 12.42 11.01
N ASP A 51 5.78 12.17 12.02
CA ASP A 51 5.67 12.85 13.31
C ASP A 51 5.87 14.35 13.17
N LEU A 53 5.18 16.06 10.45
CA LEU A 53 3.96 16.52 9.80
C LEU A 53 2.79 16.57 10.78
N TYR A 54 2.72 15.61 11.69
CA TYR A 54 1.64 15.60 12.67
C TYR A 54 1.76 16.75 13.66
N THR A 55 2.99 17.11 14.01
CA THR A 55 3.23 18.21 14.93
C THR A 55 2.71 19.52 14.32
N ALA A 56 2.90 19.67 13.01
CA ALA A 56 2.48 20.88 12.31
C ALA A 56 0.97 20.90 12.03
N ILE A 57 0.37 19.72 11.89
CA ILE A 57 -1.03 19.62 11.50
C ILE A 57 -1.98 19.62 12.69
N SER A 58 -1.59 18.94 13.77
CA SER A 58 -2.46 18.77 14.94
C SER A 58 -2.98 20.07 15.62
N PRO A 59 -2.23 21.18 15.55
CA PRO A 59 -2.87 22.40 16.08
C PRO A 59 -4.14 22.79 15.34
N VAL A 60 -4.24 22.41 14.07
CA VAL A 60 -5.38 22.75 13.23
C VAL A 60 -6.46 21.66 13.27
N PHE A 61 -6.02 20.41 13.47
CA PHE A 61 -6.95 19.32 13.70
C PHE A 61 -6.55 18.54 14.95
N PRO A 62 -6.98 19.02 16.12
CA PRO A 62 -6.64 18.38 17.40
C PRO A 62 -7.28 17.00 17.52
N LEU A 63 -6.59 16.08 18.18
CA LEU A 63 -7.07 14.71 18.44
C LEU A 63 -7.19 13.88 17.15
N SER A 64 -6.73 14.44 16.04
CA SER A 64 -6.73 13.71 14.78
C SER A 64 -5.61 12.66 14.78
N GLY A 65 -5.67 11.75 13.83
CA GLY A 65 -4.60 10.78 13.65
C GLY A 65 -3.97 10.91 12.28
N LEU A 66 -2.68 10.62 12.21
CA LEU A 66 -1.95 10.63 10.95
C LEU A 66 -1.31 9.26 10.76
N TYR A 67 -1.95 8.43 9.94
CA TYR A 67 -1.56 7.03 9.80
C TYR A 67 -0.75 6.78 8.53
N VAL A 68 0.33 6.03 8.68
CA VAL A 68 1.08 5.55 7.52
C VAL A 68 0.30 4.45 6.83
N VAL A 69 0.17 4.54 5.52
CA VAL A 69 -0.50 3.49 4.74
C VAL A 69 0.32 3.10 3.52
N GLY A 70 -0.04 1.99 2.89
CA GLY A 70 0.68 1.52 1.72
C GLY A 70 1.94 0.76 2.06
N SER A 71 2.88 0.72 1.11
CA SER A 71 4.04 -0.16 1.19
C SER A 71 5.00 0.19 2.32
N SER A 72 4.94 1.42 2.83
CA SER A 72 5.84 1.83 3.91
C SER A 72 5.62 1.03 5.19
N LEU A 73 4.41 0.51 5.38
CA LEU A 73 4.09 -0.18 6.63
C LEU A 73 3.14 -1.37 6.46
N ASN A 74 2.94 -1.84 5.23
CA ASN A 74 2.06 -2.98 5.03
C ASN A 74 2.80 -4.31 5.03
N GLY A 75 4.10 -4.25 5.32
CA GLY A 75 4.91 -5.46 5.41
C GLY A 75 5.61 -5.84 4.12
N PHE A 76 5.39 -5.05 3.07
CA PHE A 76 5.93 -5.39 1.76
C PHE A 76 6.78 -4.28 1.15
N GLY A 77 7.35 -3.42 2.00
CA GLY A 77 8.14 -2.30 1.53
C GLY A 77 9.45 -2.69 0.86
N ASN A 78 9.74 -2.04 -0.26
CA ASN A 78 10.99 -2.25 -0.97
C ASN A 78 11.84 -0.98 -1.01
N ASN A 79 11.78 -0.21 0.07
CA ASN A 79 12.58 1.00 0.22
C ASN A 79 12.31 2.03 -0.87
N SER A 80 11.05 2.22 -1.24
CA SER A 80 10.68 3.26 -2.18
C SER A 80 10.55 4.58 -1.44
N SER A 81 10.96 5.66 -2.08
CA SER A 81 10.97 6.97 -1.43
C SER A 81 9.57 7.52 -1.20
N ASP A 82 8.57 6.87 -1.80
CA ASP A 82 7.19 7.28 -1.62
C ASP A 82 6.65 6.95 -0.22
N ASP A 84 2.66 7.18 1.78
CA ASP A 84 1.27 7.58 1.78
C ASP A 84 0.78 7.76 3.22
N LEU A 85 0.04 8.85 3.45
CA LEU A 85 -0.50 9.16 4.76
C LEU A 85 -2.01 9.35 4.70
N CYS A 86 -2.69 8.91 5.75
CA CYS A 86 -4.12 9.14 5.88
C CYS A 86 -4.42 9.91 7.17
N LEU A 87 -5.04 11.08 7.03
CA LEU A 87 -5.43 11.88 8.19
C LEU A 87 -6.86 11.51 8.62
N ILE A 89 -10.05 12.06 10.94
CA ILE A 89 -10.67 13.10 11.76
C ILE A 89 -12.10 12.73 12.17
N THR A 90 -12.68 11.73 11.52
CA THR A 90 -14.04 11.31 11.86
C THR A 90 -14.28 9.83 11.61
N ASN A 91 -15.26 9.26 12.32
CA ASN A 91 -15.58 7.85 12.20
C ASN A 91 -16.54 7.58 11.05
N LYS A 92 -17.24 8.62 10.62
CA LYS A 92 -18.11 8.52 9.45
C LYS A 92 -17.27 8.62 8.18
N ASP A 93 -17.91 8.43 7.04
CA ASP A 93 -17.24 8.71 5.77
C ASP A 93 -17.18 10.22 5.59
N LEU A 94 -16.03 10.71 5.13
CA LEU A 94 -15.87 12.14 4.86
C LEU A 94 -16.08 12.39 3.38
N ASP A 95 -17.02 13.28 3.06
CA ASP A 95 -17.29 13.66 1.68
C ASP A 95 -16.02 14.12 0.98
N GLN A 96 -15.68 13.46 -0.12
CA GLN A 96 -14.40 13.69 -0.80
C GLN A 96 -14.49 14.80 -1.84
N LYS A 97 -15.69 15.10 -2.30
CA LYS A 97 -15.89 16.15 -3.31
C LYS A 97 -15.65 17.53 -2.73
N ASN A 98 -16.18 17.78 -1.54
CA ASN A 98 -16.08 19.10 -0.92
C ASN A 98 -15.24 19.12 0.37
N ASP A 99 -15.67 18.36 1.37
CA ASP A 99 -15.08 18.44 2.71
C ASP A 99 -13.61 18.05 2.75
N ALA A 100 -13.25 16.96 2.07
CA ALA A 100 -11.86 16.51 2.05
C ALA A 100 -10.96 17.56 1.41
N VAL A 101 -11.49 18.25 0.40
CA VAL A 101 -10.73 19.30 -0.29
C VAL A 101 -10.51 20.50 0.63
N VAL A 102 -11.53 20.87 1.39
CA VAL A 102 -11.40 21.95 2.37
C VAL A 102 -10.32 21.59 3.40
N VAL A 103 -10.38 20.37 3.90
CA VAL A 103 -9.40 19.87 4.86
C VAL A 103 -7.98 19.94 4.29
N LEU A 104 -7.80 19.37 3.11
CA LEU A 104 -6.49 19.34 2.48
C LEU A 104 -5.98 20.73 2.12
N ASN A 105 -6.89 21.62 1.73
CA ASN A 105 -6.52 23.00 1.42
C ASN A 105 -6.07 23.74 2.68
N LEU A 106 -6.77 23.48 3.78
CA LEU A 106 -6.41 24.06 5.07
C LEU A 106 -5.03 23.58 5.52
N ILE A 107 -4.71 22.33 5.21
CA ILE A 107 -3.42 21.77 5.56
C ILE A 107 -2.32 22.40 4.69
N LEU A 108 -2.63 22.62 3.43
CA LEU A 108 -1.71 23.26 2.49
C LEU A 108 -1.33 24.66 2.99
N SER A 109 -2.31 25.40 3.50
CA SER A 109 -2.06 26.74 4.04
C SER A 109 -1.17 26.68 5.27
N THR A 110 -1.37 25.64 6.09
CA THR A 110 -0.61 25.47 7.31
C THR A 110 0.84 25.13 7.05
N LEU A 111 1.06 24.18 6.14
CA LEU A 111 2.40 23.67 5.85
C LEU A 111 3.26 24.64 5.04
N GLN A 112 2.63 25.69 4.51
CA GLN A 112 3.37 26.72 3.80
C GLN A 112 4.35 27.46 4.71
N TYR A 113 4.07 27.43 6.01
CA TYR A 113 4.89 28.14 6.98
C TYR A 113 5.91 27.23 7.65
N GLU A 114 5.83 25.93 7.35
CA GLU A 114 6.84 24.98 7.81
C GLU A 114 7.99 24.93 6.81
N LYS A 115 9.20 25.24 7.29
CA LYS A 115 10.35 25.36 6.40
C LYS A 115 10.88 23.99 5.98
N PHE A 116 10.53 22.94 6.70
CA PHE A 116 10.94 21.60 6.30
C PHE A 116 10.11 21.13 5.10
N VAL A 117 9.01 21.84 4.84
CA VAL A 117 8.21 21.61 3.64
C VAL A 117 8.68 22.53 2.52
N GLU A 118 8.99 21.97 1.35
CA GLU A 118 9.52 22.76 0.26
C GLU A 118 8.46 23.12 -0.78
N SER A 119 7.59 22.17 -1.10
CA SER A 119 6.55 22.42 -2.09
C SER A 119 5.35 21.53 -1.85
N GLN A 120 4.18 21.97 -2.33
CA GLN A 120 2.95 21.22 -2.14
C GLN A 120 2.09 21.26 -3.39
N LYS A 121 1.24 20.26 -3.56
CA LYS A 121 0.33 20.25 -4.68
C LYS A 121 -0.98 19.55 -4.32
N LEU A 122 -2.09 20.24 -4.56
CA LEU A 122 -3.40 19.67 -4.29
C LEU A 122 -3.92 18.96 -5.53
N ILE A 123 -3.91 17.63 -5.49
CA ILE A 123 -4.32 16.83 -6.63
C ILE A 123 -5.77 16.36 -6.49
N LEU A 124 -6.63 16.86 -7.38
CA LEU A 124 -8.04 16.51 -7.35
C LEU A 124 -8.29 15.17 -8.01
N ALA A 125 -9.01 14.30 -7.30
CA ALA A 125 -9.37 12.98 -7.80
C ALA A 125 -10.58 12.50 -7.03
N LYS A 126 -11.00 11.26 -7.27
CA LYS A 126 -12.11 10.66 -6.52
C LYS A 126 -11.81 10.76 -5.03
N VAL A 127 -10.56 10.47 -4.68
CA VAL A 127 -10.02 10.76 -3.37
C VAL A 127 -8.91 11.78 -3.54
N PRO A 128 -9.20 13.06 -3.27
CA PRO A 128 -8.22 14.14 -3.43
C PRO A 128 -6.97 13.90 -2.61
N ILE A 129 -5.82 14.31 -3.14
CA ILE A 129 -4.52 14.05 -2.52
C ILE A 129 -3.70 15.32 -2.40
N LEU A 130 -3.06 15.51 -1.25
CA LEU A 130 -2.06 16.55 -1.11
C LEU A 130 -0.68 15.93 -1.27
N ARG A 131 0.02 16.33 -2.34
CA ARG A 131 1.36 15.84 -2.58
C ARG A 131 2.39 16.83 -2.04
N ILE A 132 3.26 16.34 -1.17
CA ILE A 132 4.18 17.20 -0.43
C ILE A 132 5.63 16.82 -0.69
N ASN A 133 6.46 17.82 -0.97
CA ASN A 133 7.89 17.59 -1.08
C ASN A 133 8.64 18.40 -0.03
N PHE A 134 9.86 17.98 0.27
CA PHE A 134 10.55 18.49 1.45
C PHE A 134 11.95 19.02 1.17
N ALA A 135 12.45 19.82 2.09
CA ALA A 135 13.83 20.29 2.06
C ALA A 135 14.66 19.41 2.97
N ALA A 136 15.82 19.92 3.41
CA ALA A 136 16.56 19.32 4.51
C ALA A 136 17.00 17.88 4.12
N PRO A 137 17.30 16.99 5.09
CA PRO A 137 17.62 15.69 4.50
C PRO A 137 16.42 14.79 4.18
N PHE A 138 15.27 15.37 3.79
CA PHE A 138 14.10 14.55 3.46
C PHE A 138 13.62 14.81 2.04
N ASP A 139 14.44 15.47 1.24
CA ASP A 139 14.05 15.90 -0.10
C ASP A 139 13.88 14.75 -1.07
N ASP A 140 14.32 13.55 -0.67
CA ASP A 140 14.16 12.38 -1.52
C ASP A 140 12.77 11.76 -1.36
N ILE A 141 12.11 12.11 -0.26
CA ILE A 141 10.82 11.53 0.08
C ILE A 141 9.64 12.36 -0.42
N THR A 142 8.72 11.72 -1.12
CA THR A 142 7.48 12.36 -1.55
C THR A 142 6.30 11.79 -0.76
N VAL A 143 5.51 12.67 -0.17
CA VAL A 143 4.35 12.25 0.61
C VAL A 143 3.04 12.53 -0.11
N ASP A 144 2.17 11.52 -0.15
CA ASP A 144 0.80 11.69 -0.63
C ASP A 144 -0.17 11.57 0.54
N LEU A 145 -0.89 12.65 0.83
CA LEU A 145 -1.81 12.70 1.96
C LEU A 145 -3.26 12.75 1.53
N ASN A 146 -4.08 11.87 2.09
CA ASN A 146 -5.52 11.89 1.85
C ASN A 146 -6.28 12.24 3.13
N ALA A 147 -7.51 12.70 2.98
CA ALA A 147 -8.33 13.04 4.14
C ALA A 147 -9.32 11.94 4.51
N ASN A 148 -8.92 11.09 5.45
CA ASN A 148 -9.83 10.15 6.09
C ASN A 148 -10.40 9.13 5.08
N ASN A 149 -9.51 8.61 4.24
CA ASN A 149 -9.84 7.46 3.40
C ASN A 149 -9.47 6.18 4.14
N SER A 150 -10.32 5.82 5.09
CA SER A 150 -9.99 4.83 6.10
C SER A 150 -9.78 3.42 5.55
N VAL A 151 -10.18 3.18 4.30
CA VAL A 151 -10.01 1.85 3.72
C VAL A 151 -8.54 1.56 3.50
N ALA A 152 -7.76 2.62 3.27
CA ALA A 152 -6.33 2.49 3.08
C ALA A 152 -5.65 1.98 4.35
N ILE A 153 -6.20 2.35 5.50
CA ILE A 153 -5.66 1.91 6.77
C ILE A 153 -6.02 0.45 7.02
N ARG A 154 -7.28 0.11 6.79
CA ARG A 154 -7.74 -1.26 6.98
C ARG A 154 -6.97 -2.24 6.09
N ASN A 155 -6.71 -1.83 4.85
CA ASN A 155 -5.99 -2.70 3.93
C ASN A 155 -4.50 -2.78 4.22
N THR A 156 -3.93 -1.71 4.76
CA THR A 156 -2.54 -1.74 5.20
C THR A 156 -2.40 -2.74 6.34
N HIS A 157 -3.41 -2.73 7.20
CA HIS A 157 -3.48 -3.61 8.37
C HIS A 157 -3.67 -5.06 7.96
N LEU A 158 -4.49 -5.28 6.94
CA LEU A 158 -4.76 -6.62 6.42
C LEU A 158 -3.53 -7.21 5.75
N LEU A 159 -2.91 -6.45 4.85
CA LEU A 159 -1.72 -6.91 4.15
C LEU A 159 -0.58 -7.22 5.12
N CYS A 160 -0.50 -6.45 6.20
CA CYS A 160 0.56 -6.63 7.19
C CYS A 160 0.46 -7.99 7.86
N TYR A 161 -0.77 -8.48 8.01
CA TYR A 161 -0.99 -9.78 8.63
C TYR A 161 -0.83 -10.91 7.62
N TYR A 162 -1.08 -10.63 6.34
CA TYR A 162 -0.74 -11.58 5.29
C TYR A 162 0.78 -11.70 5.19
N SER A 163 1.48 -10.59 5.42
CA SER A 163 2.93 -10.55 5.31
C SER A 163 3.64 -11.31 6.42
N SER A 164 2.91 -11.60 7.49
CA SER A 164 3.52 -12.31 8.62
C SER A 164 2.81 -13.65 8.90
N TYR A 165 1.88 -14.03 8.03
CA TYR A 165 1.18 -15.29 8.20
C TYR A 165 2.11 -16.46 7.91
N ASP A 166 2.95 -16.30 6.90
CA ASP A 166 3.90 -17.32 6.48
C ASP A 166 5.22 -16.67 6.12
N TRP A 167 6.33 -17.33 6.44
CA TRP A 167 7.65 -16.73 6.26
C TRP A 167 8.02 -16.58 4.78
N ARG A 168 7.22 -17.19 3.90
CA ARG A 168 7.54 -17.21 2.48
C ARG A 168 6.89 -16.07 1.72
N VAL A 169 5.81 -15.51 2.27
CA VAL A 169 5.05 -14.46 1.59
C VAL A 169 5.91 -13.24 1.26
N ARG A 170 6.67 -12.75 2.23
CA ARG A 170 7.47 -11.54 2.05
C ARG A 170 8.60 -11.68 1.01
N PRO A 171 9.43 -12.74 1.11
CA PRO A 171 10.46 -12.83 0.08
C PRO A 171 9.88 -13.13 -1.30
N LEU A 172 8.68 -13.73 -1.33
CA LEU A 172 8.01 -14.00 -2.59
C LEU A 172 7.41 -12.72 -3.19
N VAL A 173 7.18 -11.70 -2.37
CA VAL A 173 6.68 -10.43 -2.91
C VAL A 173 7.84 -9.55 -3.38
N SER A 174 8.96 -9.59 -2.66
CA SER A 174 10.13 -8.77 -3.00
C SER A 174 10.69 -9.03 -4.40
N VAL A 175 10.98 -10.30 -4.71
CA VAL A 175 11.57 -10.68 -5.99
C VAL A 175 10.61 -10.37 -7.15
N VAL A 176 9.33 -10.67 -6.94
CA VAL A 176 8.29 -10.40 -7.93
C VAL A 176 8.21 -8.90 -8.24
N LYS A 177 8.22 -8.08 -7.20
CA LYS A 177 8.27 -6.63 -7.36
C LYS A 177 9.47 -6.20 -8.17
N GLU A 178 10.63 -6.77 -7.84
CA GLU A 178 11.87 -6.43 -8.53
C GLU A 178 11.87 -6.96 -9.96
N TRP A 179 11.40 -8.18 -10.15
CA TRP A 179 11.29 -8.74 -11.50
C TRP A 179 10.34 -7.94 -12.38
N ALA A 180 9.13 -7.69 -11.87
CA ALA A 180 8.12 -6.95 -12.62
C ALA A 180 8.61 -5.55 -12.98
N LYS A 181 9.35 -4.94 -12.07
CA LYS A 181 9.95 -3.64 -12.29
C LYS A 181 10.94 -3.67 -13.46
N ARG A 182 11.83 -4.65 -13.45
CA ARG A 182 12.84 -4.77 -14.50
C ARG A 182 12.23 -5.26 -15.81
N LYS A 183 11.19 -6.08 -15.73
CA LYS A 183 10.56 -6.65 -16.90
C LYS A 183 9.63 -5.63 -17.57
N GLY A 184 9.32 -4.55 -16.86
CA GLY A 184 8.46 -3.52 -17.41
C GLY A 184 6.99 -3.79 -17.20
N ILE A 185 6.69 -4.82 -16.41
CA ILE A 185 5.32 -5.18 -16.08
C ILE A 185 4.78 -4.20 -15.06
N ASN A 186 5.66 -3.74 -14.18
CA ASN A 186 5.40 -2.62 -13.29
C ASN A 186 6.16 -1.42 -13.81
N ASP A 187 5.43 -0.45 -14.36
CA ASP A 187 6.04 0.63 -15.12
C ASP A 187 5.52 2.00 -14.71
N ALA A 188 6.19 3.06 -15.16
CA ALA A 188 5.70 4.41 -14.98
C ALA A 188 4.50 4.66 -15.87
N ASN A 189 4.55 4.15 -17.11
CA ASN A 189 3.48 4.33 -18.08
C ASN A 189 2.21 3.64 -17.60
N LYS A 190 1.09 4.36 -17.63
CA LYS A 190 -0.08 3.98 -16.83
C LYS A 190 -0.73 2.67 -17.29
N SER A 191 -0.20 2.07 -18.35
CA SER A 191 -0.67 0.79 -18.82
C SER A 191 0.22 -0.34 -18.31
N SER A 192 0.16 -0.57 -17.00
CA SER A 192 0.95 -1.59 -16.33
C SER A 192 0.41 -1.77 -14.92
N PHE A 193 0.83 -2.84 -14.26
CA PHE A 193 0.40 -3.09 -12.89
C PHE A 193 1.14 -2.18 -11.93
N THR A 194 0.43 -1.74 -10.89
CA THR A 194 1.05 -1.03 -9.79
C THR A 194 1.70 -2.01 -8.85
N SER A 195 2.56 -1.51 -7.96
CA SER A 195 3.20 -2.35 -6.94
C SER A 195 2.15 -3.03 -6.08
N TYR A 196 1.07 -2.30 -5.80
CA TYR A 196 -0.02 -2.81 -4.99
C TYR A 196 -0.75 -3.97 -5.67
N SER A 197 -0.90 -3.88 -6.99
CA SER A 197 -1.53 -4.95 -7.76
C SER A 197 -0.73 -6.24 -7.70
N LEU A 198 0.60 -6.11 -7.73
CA LEU A 198 1.49 -7.26 -7.66
C LEU A 198 1.34 -8.00 -6.34
N VAL A 199 1.20 -7.24 -5.26
CA VAL A 199 1.06 -7.82 -3.92
C VAL A 199 -0.23 -8.62 -3.83
N LEU A 200 -1.31 -8.06 -4.37
CA LEU A 200 -2.61 -8.72 -4.36
C LEU A 200 -2.57 -9.96 -5.26
N VAL A 202 0.08 -11.85 -5.82
CA VAL A 202 0.82 -12.88 -5.10
C VAL A 202 -0.05 -13.53 -4.04
N ILE A 203 -0.74 -12.70 -3.25
CA ILE A 203 -1.63 -13.19 -2.22
C ILE A 203 -2.77 -14.03 -2.79
N HIS A 204 -3.36 -13.55 -3.89
CA HIS A 204 -4.41 -14.29 -4.58
C HIS A 204 -3.90 -15.65 -5.02
N PHE A 205 -2.67 -15.67 -5.52
CA PHE A 205 -2.01 -16.91 -5.92
C PHE A 205 -1.82 -17.85 -4.72
N LEU A 206 -1.35 -17.28 -3.61
CA LEU A 206 -1.10 -18.08 -2.41
C LEU A 206 -2.40 -18.54 -1.74
N GLN A 207 -3.52 -18.00 -2.22
CA GLN A 207 -4.83 -18.37 -1.69
C GLN A 207 -5.53 -19.38 -2.59
N CYS A 208 -5.49 -19.13 -3.89
CA CYS A 208 -6.26 -19.93 -4.85
C CYS A 208 -5.39 -20.82 -5.74
N GLY A 209 -4.08 -20.67 -5.64
CA GLY A 209 -3.16 -21.48 -6.42
C GLY A 209 -3.17 -22.94 -5.99
N PRO A 210 -2.40 -23.78 -6.71
CA PRO A 210 -2.34 -25.22 -6.47
C PRO A 210 -1.98 -25.55 -5.03
N THR A 211 -1.10 -24.76 -4.44
CA THR A 211 -0.74 -24.91 -3.03
C THR A 211 -1.39 -23.82 -2.18
N LYS A 212 -2.33 -24.22 -1.33
CA LYS A 212 -2.99 -23.27 -0.44
C LYS A 212 -2.04 -22.84 0.67
N VAL A 213 -1.50 -21.63 0.54
CA VAL A 213 -0.57 -21.09 1.52
C VAL A 213 -1.27 -20.11 2.47
N LEU A 214 -2.17 -19.31 1.93
CA LEU A 214 -2.88 -18.32 2.73
C LEU A 214 -4.39 -18.54 2.69
N PRO A 215 -5.05 -18.39 3.85
CA PRO A 215 -6.52 -18.43 3.91
C PRO A 215 -7.12 -17.08 3.53
N ASN A 216 -8.44 -16.97 3.54
CA ASN A 216 -9.06 -15.67 3.37
C ASN A 216 -9.34 -15.07 4.75
N LEU A 217 -8.42 -14.20 5.17
CA LEU A 217 -8.47 -13.59 6.50
C LEU A 217 -9.78 -12.86 6.75
N GLN A 218 -10.36 -12.30 5.69
CA GLN A 218 -11.64 -11.61 5.80
C GLN A 218 -12.76 -12.56 6.20
N GLN A 219 -12.67 -13.80 5.76
CA GLN A 219 -13.69 -14.80 6.07
C GLN A 219 -13.38 -15.58 7.34
N SER A 220 -12.10 -15.71 7.67
CA SER A 220 -11.67 -16.43 8.86
C SER A 220 -11.81 -15.58 10.12
N TYR A 221 -11.56 -14.29 9.99
CA TYR A 221 -11.68 -13.35 11.10
C TYR A 221 -12.45 -12.11 10.68
N PRO A 222 -13.77 -12.26 10.48
CA PRO A 222 -14.61 -11.18 9.94
C PRO A 222 -14.68 -9.95 10.84
N ASN A 223 -14.60 -10.16 12.15
CA ASN A 223 -14.71 -9.06 13.10
C ASN A 223 -13.42 -8.23 13.19
N ARG A 224 -12.32 -8.81 12.71
CA ARG A 224 -11.03 -8.13 12.75
C ARG A 224 -10.67 -7.52 11.40
N PHE A 225 -11.03 -8.19 10.33
CA PHE A 225 -10.67 -7.73 8.98
C PHE A 225 -11.90 -7.40 8.13
N SER A 226 -12.82 -6.62 8.68
CA SER A 226 -13.96 -6.11 7.92
C SER A 226 -13.78 -4.62 7.58
N ASN A 227 -14.77 -4.03 6.92
CA ASN A 227 -14.74 -2.60 6.63
C ASN A 227 -15.53 -1.84 7.67
N LYS A 228 -16.36 -2.55 8.42
CA LYS A 228 -17.08 -1.95 9.53
C LYS A 228 -16.13 -1.66 10.70
N VAL A 229 -14.91 -2.18 10.59
CA VAL A 229 -13.93 -2.10 11.67
C VAL A 229 -13.41 -0.68 11.92
N ASP A 230 -13.64 -0.19 13.13
CA ASP A 230 -13.07 1.06 13.60
C ASP A 230 -11.54 0.99 13.53
N VAL A 231 -10.92 1.92 12.81
CA VAL A 231 -9.48 1.86 12.59
C VAL A 231 -8.70 2.15 13.88
N ARG A 232 -9.39 2.67 14.88
CA ARG A 232 -8.77 2.96 16.17
C ARG A 232 -8.49 1.67 16.95
N THR A 233 -9.14 0.59 16.56
CA THR A 233 -8.96 -0.69 17.24
C THR A 233 -7.96 -1.59 16.52
N LEU A 234 -7.32 -1.06 15.48
CA LEU A 234 -6.33 -1.83 14.72
C LEU A 234 -4.94 -1.66 15.36
N ASN A 235 -4.26 -2.78 15.56
CA ASN A 235 -2.94 -2.77 16.18
C ASN A 235 -2.11 -3.97 15.71
N VAL A 236 -1.12 -3.71 14.85
CA VAL A 236 -0.37 -4.77 14.19
C VAL A 236 0.56 -5.54 15.12
N THR A 237 0.78 -5.01 16.32
CA THR A 237 1.65 -5.69 17.28
C THR A 237 0.92 -6.83 17.97
N ALA A 239 -0.34 -10.18 17.54
CA ALA A 239 -0.38 -11.41 16.77
C ALA A 239 -1.48 -12.33 17.30
N LEU A 240 -2.54 -12.47 16.53
CA LEU A 240 -3.69 -13.27 16.94
C LEU A 240 -3.84 -14.52 16.07
N GLU A 241 -4.16 -15.64 16.71
CA GLU A 241 -4.42 -16.88 16.00
C GLU A 241 -5.88 -16.91 15.55
N SER A 250 -4.50 -26.66 5.69
CA SER A 250 -3.72 -27.69 5.02
C SER A 250 -2.42 -27.97 5.79
N LEU A 251 -1.44 -27.09 5.58
CA LEU A 251 -0.18 -27.07 6.32
C LEU A 251 0.67 -28.33 6.21
N SER A 252 0.22 -29.33 5.46
CA SER A 252 1.11 -30.40 5.03
C SER A 252 2.12 -29.74 4.12
N GLU A 253 1.63 -28.71 3.42
CA GLU A 253 2.40 -27.75 2.65
C GLU A 253 3.71 -27.32 3.32
N LYS A 254 4.81 -27.64 2.66
CA LYS A 254 6.12 -26.99 2.87
C LYS A 254 6.87 -26.97 1.56
N THR A 255 6.17 -26.67 0.46
CA THR A 255 6.81 -26.52 -0.83
C THR A 255 7.76 -25.34 -0.74
N THR A 256 8.83 -25.36 -1.53
CA THR A 256 9.92 -24.40 -1.34
C THR A 256 9.58 -23.01 -1.89
N LEU A 257 10.47 -22.08 -1.60
CA LEU A 257 10.33 -20.68 -2.01
C LEU A 257 10.47 -20.56 -3.53
N GLY A 258 11.44 -21.28 -4.07
CA GLY A 258 11.66 -21.29 -5.51
C GLY A 258 10.50 -21.91 -6.26
N GLU A 259 9.91 -22.96 -5.70
CA GLU A 259 8.76 -23.61 -6.30
C GLU A 259 7.51 -22.74 -6.25
N LEU A 260 7.41 -21.89 -5.22
CA LEU A 260 6.30 -20.97 -5.14
C LEU A 260 6.42 -19.89 -6.22
N LEU A 261 7.64 -19.40 -6.41
CA LEU A 261 7.90 -18.40 -7.45
C LEU A 261 7.63 -18.97 -8.84
N ILE A 262 8.08 -20.21 -9.07
CA ILE A 262 7.85 -20.89 -10.34
C ILE A 262 6.36 -21.07 -10.60
N GLY A 263 5.64 -21.51 -9.57
CA GLY A 263 4.20 -21.67 -9.67
C GLY A 263 3.47 -20.36 -9.89
N PHE A 264 3.94 -19.30 -9.26
CA PHE A 264 3.36 -17.97 -9.42
C PHE A 264 3.43 -17.52 -10.88
N LEU A 265 4.61 -17.66 -11.47
CA LEU A 265 4.82 -17.28 -12.87
C LEU A 265 3.95 -18.13 -13.80
N ASP A 266 3.77 -19.39 -13.46
CA ASP A 266 2.94 -20.28 -14.26
C ASP A 266 1.47 -19.90 -14.14
N TYR A 267 1.06 -19.52 -12.93
CA TYR A 267 -0.33 -19.20 -12.64
C TYR A 267 -0.83 -18.03 -13.49
N TYR A 268 -0.02 -16.97 -13.59
CA TYR A 268 -0.42 -15.79 -14.34
C TYR A 268 0.08 -15.84 -15.78
N ALA A 269 0.45 -17.04 -16.23
CA ALA A 269 0.69 -17.27 -17.65
C ALA A 269 -0.65 -17.45 -18.34
N ASN A 270 -1.69 -17.62 -17.53
CA ASN A 270 -3.03 -17.89 -18.03
C ASN A 270 -3.97 -16.70 -17.88
N GLU A 271 -4.62 -16.34 -18.97
CA GLU A 271 -5.51 -15.19 -19.02
C GLU A 271 -6.68 -15.34 -18.06
N PHE A 272 -7.16 -16.56 -17.87
CA PHE A 272 -8.34 -16.79 -17.06
C PHE A 272 -8.05 -16.63 -15.56
N ASN A 273 -6.78 -16.45 -15.21
CA ASN A 273 -6.40 -16.24 -13.82
C ASN A 273 -6.34 -14.76 -13.45
N TYR A 274 -6.67 -13.90 -14.41
CA TYR A 274 -6.64 -12.45 -14.18
C TYR A 274 -8.02 -11.89 -13.83
N ASP A 275 -8.03 -10.70 -13.27
CA ASP A 275 -9.24 -9.99 -12.89
C ASP A 275 -9.69 -9.09 -14.05
N ARG A 276 -10.20 -9.71 -15.12
CA ARG A 276 -10.49 -9.01 -16.37
C ARG A 276 -11.85 -8.33 -16.40
N ASP A 277 -12.83 -8.91 -15.72
CA ASP A 277 -14.22 -8.50 -15.89
C ASP A 277 -14.69 -7.49 -14.85
N ALA A 278 -15.62 -6.64 -15.26
CA ALA A 278 -16.28 -5.72 -14.34
C ALA A 278 -17.58 -6.36 -13.85
N ILE A 279 -18.09 -5.86 -12.72
CA ILE A 279 -19.31 -6.40 -12.15
C ILE A 279 -20.55 -5.79 -12.79
N HIS A 296 -14.96 -11.95 -26.85
CA HIS A 296 -13.63 -11.70 -26.31
C HIS A 296 -13.71 -11.04 -24.95
N HIS A 297 -13.06 -11.67 -23.99
CA HIS A 297 -12.89 -11.07 -22.69
C HIS A 297 -11.98 -9.86 -22.79
N SER A 298 -12.60 -8.74 -23.16
CA SER A 298 -11.93 -7.46 -23.17
C SER A 298 -11.70 -7.06 -21.73
N ILE A 299 -10.71 -6.20 -21.51
CA ILE A 299 -10.45 -5.69 -20.17
C ILE A 299 -11.61 -4.78 -19.76
N SER A 300 -12.63 -5.37 -19.14
CA SER A 300 -13.82 -4.66 -18.73
C SER A 300 -13.66 -4.07 -17.33
N ASN A 301 -12.81 -4.69 -16.51
CA ASN A 301 -12.57 -4.23 -15.14
C ASN A 301 -11.84 -2.89 -15.11
N PRO A 302 -12.47 -1.87 -14.51
CA PRO A 302 -11.89 -0.53 -14.43
C PRO A 302 -10.67 -0.47 -13.50
N HIS A 303 -10.57 -1.43 -12.58
CA HIS A 303 -9.48 -1.44 -11.61
C HIS A 303 -8.33 -2.36 -12.01
N PHE A 304 -8.32 -2.76 -13.28
CA PHE A 304 -7.41 -3.80 -13.78
C PHE A 304 -5.94 -3.54 -13.46
N TRP A 305 -5.44 -2.35 -13.81
CA TRP A 305 -4.03 -2.03 -13.61
C TRP A 305 -3.71 -1.64 -12.17
N ARG A 306 -4.56 -0.81 -11.58
CA ARG A 306 -4.27 -0.22 -10.28
C ARG A 306 -4.59 -1.12 -9.09
N SER A 307 -5.64 -1.94 -9.23
CA SER A 307 -6.05 -2.81 -8.13
C SER A 307 -6.44 -4.20 -8.59
N GLN A 308 -5.52 -4.89 -9.26
CA GLN A 308 -5.76 -6.24 -9.74
C GLN A 308 -6.09 -7.17 -8.58
N TRP A 309 -7.22 -7.87 -8.69
CA TRP A 309 -7.73 -8.76 -7.64
C TRP A 309 -7.96 -8.02 -6.32
N ARG A 310 -8.63 -6.88 -6.42
CA ARG A 310 -8.92 -6.02 -5.28
C ARG A 310 -9.81 -6.70 -4.25
N CYS A 311 -10.50 -7.76 -4.65
CA CYS A 311 -11.36 -8.52 -3.75
C CYS A 311 -10.55 -9.20 -2.65
N VAL A 312 -9.24 -9.33 -2.84
CA VAL A 312 -8.33 -9.77 -1.79
C VAL A 312 -8.42 -8.81 -0.60
N CYS A 313 -8.45 -7.52 -0.90
CA CYS A 313 -8.54 -6.51 0.14
C CYS A 313 -9.99 -6.13 0.42
N ILE A 314 -10.16 -5.20 1.35
CA ILE A 314 -11.46 -4.65 1.67
C ILE A 314 -11.88 -3.67 0.58
N GLU A 315 -13.11 -3.81 0.10
CA GLU A 315 -13.58 -3.00 -1.01
C GLU A 315 -13.70 -1.52 -0.63
N GLU A 316 -13.18 -0.66 -1.49
CA GLU A 316 -13.08 0.76 -1.22
C GLU A 316 -14.36 1.51 -1.58
N THR A 323 -11.59 5.01 -15.84
CA THR A 323 -12.84 4.66 -16.51
C THR A 323 -12.60 3.78 -17.73
N ALA A 324 -12.24 4.41 -18.85
CA ALA A 324 -12.19 3.72 -20.14
C ALA A 324 -10.85 3.06 -20.44
N HIS A 325 -10.89 1.79 -20.81
CA HIS A 325 -9.73 1.11 -21.37
C HIS A 325 -9.80 1.20 -22.88
N SER A 326 -8.68 0.95 -23.54
CA SER A 326 -8.63 0.93 -25.00
C SER A 326 -8.03 -0.37 -25.48
N ILE A 327 -7.88 -0.50 -26.79
CA ILE A 327 -7.24 -1.67 -27.37
C ILE A 327 -5.75 -1.70 -26.98
N TYR A 328 -5.22 -0.53 -26.61
CA TYR A 328 -3.84 -0.44 -26.16
C TYR A 328 -3.61 -1.22 -24.86
N ASP A 329 -4.53 -1.08 -23.92
CA ASP A 329 -4.45 -1.81 -22.66
C ASP A 329 -4.44 -3.30 -22.89
N GLU A 330 -5.28 -3.74 -23.83
CA GLU A 330 -5.38 -5.14 -24.19
C GLU A 330 -4.07 -5.65 -24.75
N VAL A 332 -1.08 -4.43 -24.23
CA VAL A 332 -0.11 -4.46 -23.14
C VAL A 332 -0.33 -5.69 -22.27
N PHE A 333 -1.60 -6.00 -22.01
CA PHE A 333 -1.96 -7.18 -21.26
C PHE A 333 -1.45 -8.45 -21.95
N GLU A 334 -1.61 -8.51 -23.27
CA GLU A 334 -1.13 -9.65 -24.05
C GLU A 334 0.37 -9.82 -23.88
N ALA A 335 1.08 -8.70 -23.93
CA ALA A 335 2.53 -8.70 -23.75
C ALA A 335 2.92 -9.22 -22.36
N ILE A 336 2.16 -8.81 -21.35
CA ILE A 336 2.45 -9.20 -19.97
C ILE A 336 2.30 -10.71 -19.78
N LYS A 337 1.27 -11.31 -20.38
CA LYS A 337 1.10 -12.75 -20.36
C LYS A 337 2.32 -13.44 -20.96
N LYS A 338 2.80 -12.93 -22.09
CA LYS A 338 3.95 -13.52 -22.77
C LYS A 338 5.18 -13.44 -21.87
N ALA A 339 5.33 -12.33 -21.14
CA ALA A 339 6.45 -12.17 -20.22
C ALA A 339 6.34 -13.19 -19.09
N PHE A 340 5.11 -13.43 -18.65
CA PHE A 340 4.85 -14.43 -17.61
C PHE A 340 5.12 -15.85 -18.13
N ARG A 341 5.03 -16.05 -19.45
CA ARG A 341 5.32 -17.36 -20.01
C ARG A 341 6.82 -17.55 -20.23
N GLU A 342 7.49 -16.49 -20.68
CA GLU A 342 8.93 -16.53 -20.89
C GLU A 342 9.68 -16.77 -19.58
N ALA A 343 9.36 -15.96 -18.58
CA ALA A 343 10.06 -16.01 -17.30
C ALA A 343 9.82 -17.34 -16.58
N HIS A 344 8.69 -17.97 -16.87
CA HIS A 344 8.38 -19.28 -16.31
C HIS A 344 9.25 -20.36 -16.95
N GLY A 345 9.35 -20.33 -18.27
CA GLY A 345 10.20 -21.28 -18.98
C GLY A 345 11.65 -21.10 -18.59
N GLU A 346 12.06 -19.85 -18.44
CA GLU A 346 13.41 -19.51 -18.04
C GLU A 346 13.77 -20.10 -16.68
N LEU A 347 13.00 -19.73 -15.67
CA LEU A 347 13.30 -20.13 -14.29
C LEU A 347 13.14 -21.63 -14.08
N GLN A 348 12.11 -22.21 -14.69
CA GLN A 348 11.88 -23.65 -14.57
C GLN A 348 13.09 -24.43 -15.11
N HIS A 349 13.65 -23.95 -16.22
CA HIS A 349 14.77 -24.60 -16.87
C HIS A 349 16.08 -24.45 -16.08
N ASN A 350 16.34 -23.25 -15.58
CA ASN A 350 17.62 -22.94 -14.95
C ASN A 350 17.60 -22.86 -13.43
N HIS A 351 16.47 -22.44 -12.88
CA HIS A 351 16.36 -22.11 -11.46
C HIS A 351 17.41 -21.05 -11.09
N ASP A 352 17.66 -20.14 -12.04
CA ASP A 352 18.67 -19.10 -11.87
C ASP A 352 18.01 -17.72 -11.78
N LEU A 353 17.92 -17.20 -10.56
CA LEU A 353 17.24 -15.93 -10.32
C LEU A 353 17.99 -14.76 -10.96
N ASP A 354 19.31 -14.86 -11.05
CA ASP A 354 20.13 -13.80 -11.64
C ASP A 354 19.84 -13.62 -13.12
N LYS A 355 19.82 -14.74 -13.86
CA LYS A 355 19.52 -14.71 -15.28
C LYS A 355 18.11 -14.19 -15.51
N LEU A 356 17.21 -14.56 -14.60
CA LEU A 356 15.84 -14.08 -14.63
C LEU A 356 15.79 -12.58 -14.42
N GLU A 358 18.15 -10.24 -15.02
CA GLU A 358 18.68 -9.39 -16.09
C GLU A 358 17.87 -9.61 -17.37
N CYS A 359 16.55 -9.67 -17.19
CA CYS A 359 15.62 -9.83 -18.30
C CYS A 359 15.52 -8.57 -19.13
N GLU A 360 15.13 -8.72 -20.40
CA GLU A 360 14.89 -7.56 -21.25
C GLU A 360 13.51 -7.01 -20.93
N PRO A 361 13.38 -5.68 -20.82
CA PRO A 361 12.09 -5.03 -20.57
C PRO A 361 11.11 -5.28 -21.69
N ILE A 362 9.82 -5.15 -21.40
CA ILE A 362 8.80 -5.46 -22.39
C ILE A 362 8.51 -4.25 -23.27
N LYS A 363 8.04 -4.51 -24.49
CA LYS A 363 7.86 -3.45 -25.47
C LYS A 363 6.38 -3.08 -25.63
N ALA A 364 6.02 -1.89 -25.15
CA ALA A 364 4.64 -1.43 -25.23
C ALA A 364 4.57 0.09 -25.22
N GLU B 14 -3.08 23.83 20.85
CA GLU B 14 -4.22 23.90 19.94
C GLU B 14 -4.65 25.34 19.70
N TYR B 15 -5.19 25.61 18.52
CA TYR B 15 -5.99 26.82 18.32
C TYR B 15 -7.39 26.49 18.83
N ASP B 16 -8.08 27.46 19.41
CA ASP B 16 -9.42 27.17 19.94
C ASP B 16 -10.40 26.91 18.79
N ALA B 17 -11.55 26.33 19.14
CA ALA B 17 -12.56 25.96 18.16
C ALA B 17 -12.99 27.15 17.30
N ASP B 18 -13.04 28.31 17.96
CA ASP B 18 -13.39 29.58 17.30
C ASP B 18 -12.45 29.86 16.14
N THR B 19 -11.15 29.75 16.41
CA THR B 19 -10.11 30.02 15.44
C THR B 19 -10.09 29.00 14.31
N ARG B 20 -10.28 27.73 14.66
CA ARG B 20 -10.21 26.66 13.67
C ARG B 20 -11.40 26.70 12.72
N LEU B 21 -12.57 27.08 13.24
CA LEU B 21 -13.75 27.20 12.39
C LEU B 21 -13.58 28.34 11.39
N GLN B 22 -12.93 29.42 11.81
CA GLN B 22 -12.71 30.57 10.95
C GLN B 22 -11.66 30.24 9.87
N ALA B 24 -11.07 27.27 8.65
CA ALA B 24 -11.74 26.38 7.72
C ALA B 24 -12.64 27.15 6.76
N GLU B 25 -13.36 28.14 7.28
CA GLU B 25 -14.22 28.97 6.43
C GLU B 25 -13.38 29.74 5.42
N ASN B 26 -12.23 30.23 5.85
CA ASN B 26 -11.28 30.86 4.95
C ASN B 26 -10.77 29.89 3.88
N ALA B 27 -10.49 28.66 4.30
CA ALA B 27 -9.96 27.63 3.40
C ALA B 27 -10.99 27.23 2.35
N ALA B 28 -12.25 27.19 2.76
CA ALA B 28 -13.34 26.81 1.86
C ALA B 28 -13.61 27.89 0.81
N SER B 29 -13.89 29.11 1.25
CA SER B 29 -14.29 30.18 0.33
C SER B 29 -13.21 30.53 -0.67
N ALA B 30 -11.96 30.23 -0.33
CA ALA B 30 -10.84 30.46 -1.25
C ALA B 30 -10.90 29.51 -2.45
N ARG B 31 -11.65 28.42 -2.32
CA ARG B 31 -11.83 27.48 -3.42
C ARG B 31 -13.30 27.38 -3.83
N LYS B 32 -14.08 28.38 -3.44
CA LYS B 32 -15.52 28.41 -3.70
C LYS B 32 -16.21 27.16 -3.16
N LEU B 33 -15.73 26.67 -2.03
CA LEU B 33 -16.33 25.52 -1.35
C LEU B 33 -17.05 26.00 -0.11
N PHE B 34 -17.62 25.07 0.66
CA PHE B 34 -18.29 25.44 1.89
C PHE B 34 -17.91 24.54 3.06
N VAL B 35 -18.01 25.09 4.26
CA VAL B 35 -17.82 24.30 5.48
C VAL B 35 -19.14 23.63 5.84
N SER B 36 -19.21 22.32 5.59
CA SER B 36 -20.45 21.59 5.80
C SER B 36 -20.76 21.43 7.28
N SER B 37 -21.99 21.01 7.57
CA SER B 37 -22.43 20.75 8.93
C SER B 37 -21.57 19.66 9.58
N ALA B 38 -21.21 18.65 8.80
CA ALA B 38 -20.37 17.56 9.30
C ALA B 38 -18.96 18.02 9.64
N LEU B 39 -18.39 18.86 8.79
CA LEU B 39 -17.04 19.37 9.01
C LEU B 39 -17.00 20.35 10.19
N LYS B 40 -18.06 21.14 10.33
CA LYS B 40 -18.16 22.05 11.46
C LYS B 40 -18.21 21.26 12.76
N ASP B 41 -18.86 20.09 12.71
CA ASP B 41 -19.00 19.24 13.88
C ASP B 41 -17.65 18.62 14.26
N ILE B 42 -16.87 18.23 13.26
CA ILE B 42 -15.53 17.71 13.47
C ILE B 42 -14.63 18.76 14.13
N ILE B 43 -14.83 20.02 13.75
CA ILE B 43 -14.03 21.12 14.27
C ILE B 43 -14.43 21.49 15.69
N VAL B 44 -15.73 21.63 15.93
CA VAL B 44 -16.24 22.01 17.24
C VAL B 44 -16.02 20.89 18.25
N ASN B 45 -16.43 19.68 17.90
CA ASN B 45 -16.28 18.54 18.78
C ASN B 45 -15.48 17.41 18.13
N PRO B 46 -14.14 17.55 18.09
CA PRO B 46 -13.28 16.58 17.41
C PRO B 46 -13.29 15.20 18.04
N GLU B 47 -13.38 14.18 17.20
CA GLU B 47 -13.26 12.80 17.64
C GLU B 47 -11.78 12.45 17.77
N ASN B 48 -11.43 11.68 18.80
CA ASN B 48 -10.04 11.31 19.05
C ASN B 48 -9.60 10.12 18.20
N PHE B 49 -8.88 10.41 17.11
CA PHE B 49 -8.39 9.37 16.21
C PHE B 49 -6.88 9.27 16.22
N TYR B 50 -6.26 9.80 17.27
CA TYR B 50 -4.80 9.77 17.38
C TYR B 50 -4.24 8.34 17.21
N HIS B 51 -3.14 8.24 16.48
CA HIS B 51 -2.55 6.95 16.12
C HIS B 51 -1.80 6.32 17.29
N ASP B 52 -2.52 5.99 18.35
CA ASP B 52 -1.95 5.36 19.54
C ASP B 52 -1.25 4.05 19.23
N PHE B 53 -1.78 3.32 18.25
CA PHE B 53 -1.29 1.99 17.95
C PHE B 53 -0.44 1.95 16.69
N GLN B 54 0.05 3.10 16.27
CA GLN B 54 0.98 3.18 15.16
C GLN B 54 2.03 4.25 15.44
N GLN B 55 2.48 4.32 16.69
CA GLN B 55 3.49 5.29 17.07
C GLN B 55 4.85 4.83 16.58
N SER B 56 5.70 5.80 16.21
CA SER B 56 6.92 5.53 15.48
C SER B 56 7.87 4.56 16.18
N ALA B 57 8.07 4.76 17.49
CA ALA B 57 8.97 3.91 18.26
C ALA B 57 8.48 2.47 18.26
N GLN B 58 7.20 2.29 18.54
CA GLN B 58 6.58 0.96 18.52
C GLN B 58 6.68 0.33 17.13
N ALA B 60 8.79 1.09 14.62
CA ALA B 60 10.18 0.85 14.25
C ALA B 60 10.72 -0.40 14.92
N GLU B 61 10.37 -0.59 16.19
CA GLU B 61 10.82 -1.74 16.95
C GLU B 61 10.13 -3.01 16.48
N ASP B 62 8.83 -2.89 16.23
CA ASP B 62 8.04 -4.01 15.73
C ASP B 62 8.62 -4.57 14.43
N ALA B 63 8.98 -3.68 13.52
CA ALA B 63 9.50 -4.10 12.21
C ALA B 63 10.94 -4.62 12.32
N ASN B 64 11.69 -4.10 13.28
CA ASN B 64 13.07 -4.55 13.48
C ASN B 64 13.11 -5.89 14.19
N GLN B 65 12.09 -6.17 14.99
CA GLN B 65 11.97 -7.47 15.64
C GLN B 65 11.78 -8.56 14.60
N ARG B 66 11.01 -8.26 13.57
CA ARG B 66 10.67 -9.23 12.54
C ARG B 66 11.86 -9.59 11.65
N ARG B 67 12.54 -8.58 11.12
CA ARG B 67 13.75 -8.78 10.33
C ARG B 67 14.76 -9.60 11.09
N GLN B 68 14.95 -9.22 12.34
CA GLN B 68 15.93 -9.84 13.21
C GLN B 68 15.58 -11.29 13.56
N VAL B 69 14.30 -11.53 13.83
CA VAL B 69 13.84 -12.89 14.13
C VAL B 69 13.99 -13.81 12.91
N SER B 70 13.47 -13.36 11.76
CA SER B 70 13.32 -14.25 10.62
C SER B 70 14.60 -14.56 9.85
N TYR B 71 15.73 -13.97 10.26
CA TYR B 71 16.99 -14.26 9.58
C TYR B 71 17.97 -15.01 10.47
N ASN B 72 18.09 -14.58 11.73
CA ASN B 72 18.99 -15.24 12.65
C ASN B 72 18.25 -16.20 13.58
N THR B 73 17.14 -16.72 13.07
CA THR B 73 16.50 -17.91 13.59
C THR B 73 16.39 -18.89 12.43
N LYS B 74 16.91 -20.10 12.59
CA LYS B 74 16.78 -21.08 11.51
C LYS B 74 15.52 -21.90 11.67
N ARG B 75 14.85 -22.17 10.57
CA ARG B 75 13.70 -23.06 10.56
C ARG B 75 14.09 -24.38 9.90
N GLU B 76 13.74 -25.50 10.54
CA GLU B 76 14.01 -26.81 9.96
C GLU B 76 12.71 -27.48 9.55
N ALA B 77 12.49 -27.57 8.24
CA ALA B 77 11.28 -28.14 7.68
C ALA B 77 11.50 -28.49 6.22
#